data_9RQ3
#
_entry.id   9RQ3
#
_cell.length_a   68.278
_cell.length_b   89.802
_cell.length_c   44.974
_cell.angle_alpha   90.000
_cell.angle_beta   90.000
_cell.angle_gamma   90.000
#
_symmetry.space_group_name_H-M   'P 21 21 2'
#
loop_
_entity.id
_entity.type
_entity.pdbx_description
1 polymer 'FosA family fosfomycin resistance glutathione transferase'
2 non-polymer 1,3-benzodioxole-5-carbothioamide
3 non-polymer 1,2-ETHANEDIOL
4 non-polymer 'MANGANESE (II) ION'
5 non-polymer 'DIMETHYL SULFOXIDE'
6 water water
#
_entity_poly.entity_id   1
_entity_poly.type   'polypeptide(L)'
_entity_poly.pdbx_seq_one_letter_code
;MLSGLNHLTLAVSQLAPSVAFYQQLLGMTLHARWDSGAYLSCGDLWLCLSLDPQRRVTPPEESDYTHYAFSISEADFASF
AARLEAAGVAVWKLNRSEGASHYFLDPDGHKLELHVGSLAQRLAACREQPYKGMVFFEQHHHHHH
;
_entity_poly.pdbx_strand_id   A,B
#
# COMPACT_ATOMS: atom_id res chain seq x y z
N MET A 1 -4.05 8.55 17.55
CA MET A 1 -2.85 8.09 16.81
C MET A 1 -3.28 7.48 15.47
N LEU A 2 -2.31 6.96 14.71
CA LEU A 2 -2.66 6.25 13.49
C LEU A 2 -3.11 4.83 13.83
N SER A 3 -4.13 4.36 13.11
N SER A 3 -4.15 4.38 13.15
CA SER A 3 -4.80 3.12 13.48
CA SER A 3 -4.66 3.02 13.37
C SER A 3 -4.77 2.04 12.42
C SER A 3 -5.03 2.43 12.02
N GLY A 4 -4.19 2.28 11.26
N GLY A 4 -4.07 1.77 11.39
CA GLY A 4 -4.11 1.27 10.22
CA GLY A 4 -4.34 1.02 10.19
C GLY A 4 -4.06 1.93 8.86
C GLY A 4 -4.21 1.84 8.92
N LEU A 5 -4.21 1.09 7.83
CA LEU A 5 -4.23 1.63 6.47
C LEU A 5 -5.68 1.98 6.15
N ASN A 6 -5.92 3.26 5.85
CA ASN A 6 -7.25 3.69 5.46
C ASN A 6 -7.57 3.24 4.03
N HIS A 7 -6.63 3.44 3.11
CA HIS A 7 -6.80 2.98 1.74
C HIS A 7 -5.45 2.90 1.05
N LEU A 8 -5.40 2.07 0.01
CA LEU A 8 -4.29 1.98 -0.92
C LEU A 8 -4.77 2.53 -2.26
N THR A 9 -4.05 3.52 -2.80
CA THR A 9 -4.36 4.06 -4.11
C THR A 9 -3.23 3.74 -5.07
N LEU A 10 -3.57 3.08 -6.18
CA LEU A 10 -2.63 2.76 -7.24
C LEU A 10 -2.95 3.62 -8.46
N ALA A 11 -1.94 4.32 -8.96
CA ALA A 11 -2.07 5.03 -10.22
C ALA A 11 -2.04 4.03 -11.36
N VAL A 12 -2.96 4.16 -12.30
CA VAL A 12 -3.05 3.23 -13.43
C VAL A 12 -3.04 4.03 -14.73
N SER A 13 -2.48 3.42 -15.78
CA SER A 13 -2.42 4.08 -17.08
C SER A 13 -3.67 3.85 -17.92
N GLN A 14 -4.33 2.71 -17.75
CA GLN A 14 -5.54 2.37 -18.50
C GLN A 14 -6.54 1.79 -17.51
N LEU A 15 -7.64 2.48 -17.30
CA LEU A 15 -8.53 2.13 -16.19
C LEU A 15 -9.19 0.77 -16.40
N ALA A 16 -9.74 0.52 -17.58
CA ALA A 16 -10.52 -0.69 -17.77
C ALA A 16 -9.69 -1.95 -17.59
N PRO A 17 -8.52 -2.08 -18.19
CA PRO A 17 -7.71 -3.29 -17.94
C PRO A 17 -7.28 -3.44 -16.49
N SER A 18 -7.05 -2.34 -15.78
N SER A 18 -7.06 -2.33 -15.78
CA SER A 18 -6.70 -2.45 -14.37
CA SER A 18 -6.72 -2.42 -14.37
C SER A 18 -7.91 -2.91 -13.54
C SER A 18 -7.90 -2.90 -13.55
N VAL A 19 -9.09 -2.35 -13.80
CA VAL A 19 -10.29 -2.83 -13.10
C VAL A 19 -10.47 -4.32 -13.36
N ALA A 20 -10.30 -4.74 -14.61
CA ALA A 20 -10.48 -6.15 -14.93
C ALA A 20 -9.48 -7.01 -14.19
N PHE A 21 -8.23 -6.54 -14.08
CA PHE A 21 -7.22 -7.31 -13.37
C PHE A 21 -7.60 -7.52 -11.91
N TYR A 22 -7.95 -6.43 -11.21
CA TYR A 22 -8.21 -6.55 -9.77
C TYR A 22 -9.55 -7.23 -9.49
N GLN A 23 -10.57 -6.99 -10.31
CA GLN A 23 -11.88 -7.57 -10.07
C GLN A 23 -11.98 -8.98 -10.66
N GLN A 24 -11.75 -9.12 -11.97
CA GLN A 24 -11.96 -10.42 -12.60
C GLN A 24 -10.86 -11.40 -12.24
N LEU A 25 -9.60 -10.98 -12.35
CA LEU A 25 -8.51 -11.94 -12.18
C LEU A 25 -8.21 -12.20 -10.71
N LEU A 26 -8.15 -11.13 -9.90
CA LEU A 26 -7.83 -11.30 -8.49
C LEU A 26 -9.06 -11.49 -7.61
N GLY A 27 -10.27 -11.26 -8.12
CA GLY A 27 -11.47 -11.54 -7.36
C GLY A 27 -11.89 -10.50 -6.36
N MET A 28 -11.33 -9.30 -6.44
CA MET A 28 -11.74 -8.26 -5.51
C MET A 28 -13.14 -7.76 -5.88
N THR A 29 -13.78 -7.11 -4.93
CA THR A 29 -15.15 -6.63 -5.10
C THR A 29 -15.12 -5.20 -5.66
N LEU A 30 -15.77 -5.02 -6.80
CA LEU A 30 -15.89 -3.70 -7.42
C LEU A 30 -17.15 -3.02 -6.88
N HIS A 31 -16.98 -1.84 -6.27
CA HIS A 31 -18.08 -1.07 -5.72
C HIS A 31 -18.54 0.07 -6.63
N ALA A 32 -17.61 0.70 -7.33
CA ALA A 32 -17.96 1.84 -8.17
C ALA A 32 -16.82 2.10 -9.13
N ARG A 33 -17.16 2.70 -10.28
N ARG A 33 -17.16 2.63 -10.30
CA ARG A 33 -16.23 3.03 -11.34
CA ARG A 33 -16.16 3.13 -11.22
C ARG A 33 -16.70 4.33 -11.99
C ARG A 33 -16.68 4.41 -11.83
N TRP A 34 -15.75 5.22 -12.33
CA TRP A 34 -16.09 6.50 -12.96
C TRP A 34 -15.04 6.75 -14.02
N ASP A 35 -15.13 7.90 -14.68
CA ASP A 35 -14.29 8.09 -15.84
C ASP A 35 -12.80 8.08 -15.50
N SER A 36 -12.46 8.39 -14.25
N SER A 36 -12.44 8.39 -14.26
CA SER A 36 -11.07 8.53 -13.84
CA SER A 36 -11.02 8.46 -13.91
C SER A 36 -10.65 7.62 -12.70
C SER A 36 -10.67 7.64 -12.67
N GLY A 37 -11.45 6.63 -12.32
CA GLY A 37 -11.03 5.77 -11.23
C GLY A 37 -12.03 4.68 -10.92
N ALA A 38 -11.68 3.90 -9.89
CA ALA A 38 -12.58 2.86 -9.40
C ALA A 38 -12.28 2.62 -7.93
N TYR A 39 -13.31 2.15 -7.21
CA TYR A 39 -13.18 1.72 -5.82
C TYR A 39 -13.50 0.24 -5.72
N LEU A 40 -12.57 -0.50 -5.10
CA LEU A 40 -12.74 -1.93 -4.86
C LEU A 40 -12.45 -2.21 -3.39
N SER A 41 -12.89 -3.37 -2.93
CA SER A 41 -12.48 -3.83 -1.60
C SER A 41 -11.95 -5.25 -1.72
N CYS A 42 -11.06 -5.58 -0.80
CA CYS A 42 -10.48 -6.92 -0.68
C CYS A 42 -10.49 -7.17 0.82
N GLY A 43 -11.49 -7.91 1.28
CA GLY A 43 -11.71 -7.95 2.71
C GLY A 43 -11.92 -6.55 3.22
N ASP A 44 -11.16 -6.16 4.24
N ASP A 44 -11.16 -6.17 4.24
CA ASP A 44 -11.27 -4.83 4.82
CA ASP A 44 -11.24 -4.85 4.84
C ASP A 44 -10.47 -3.78 4.05
C ASP A 44 -10.41 -3.80 4.11
N LEU A 45 -9.65 -4.18 3.09
CA LEU A 45 -8.87 -3.22 2.32
C LEU A 45 -9.73 -2.42 1.35
N TRP A 46 -9.61 -1.10 1.41
CA TRP A 46 -10.16 -0.18 0.43
C TRP A 46 -9.06 0.09 -0.59
N LEU A 47 -9.28 -0.36 -1.82
CA LEU A 47 -8.37 -0.14 -2.94
C LEU A 47 -8.98 0.88 -3.89
N CYS A 48 -8.21 1.91 -4.21
N CYS A 48 -8.23 1.93 -4.20
CA CYS A 48 -8.58 2.89 -5.21
CA CYS A 48 -8.62 2.88 -5.22
C CYS A 48 -7.66 2.74 -6.41
C CYS A 48 -7.68 2.76 -6.41
N LEU A 49 -8.24 2.62 -7.60
CA LEU A 49 -7.49 2.70 -8.84
C LEU A 49 -7.74 4.09 -9.40
N SER A 50 -6.66 4.83 -9.66
CA SER A 50 -6.76 6.23 -10.09
C SER A 50 -6.10 6.38 -11.44
N LEU A 51 -6.88 6.76 -12.44
CA LEU A 51 -6.33 6.98 -13.78
C LEU A 51 -5.38 8.16 -13.74
N ASP A 52 -4.14 7.93 -14.11
CA ASP A 52 -3.11 8.96 -13.98
C ASP A 52 -2.30 9.00 -15.26
N PRO A 53 -2.35 10.09 -16.03
CA PRO A 53 -1.52 10.17 -17.24
C PRO A 53 -0.03 10.07 -16.97
N GLN A 54 0.40 10.28 -15.72
N GLN A 54 0.40 10.27 -15.73
CA GLN A 54 1.81 10.13 -15.37
CA GLN A 54 1.82 10.14 -15.40
C GLN A 54 2.23 8.69 -15.15
C GLN A 54 2.23 8.72 -15.03
N ARG A 55 1.29 7.77 -14.95
CA ARG A 55 1.67 6.38 -14.71
C ARG A 55 2.31 5.74 -15.94
N ARG A 56 3.48 5.15 -15.74
CA ARG A 56 4.16 4.42 -16.79
C ARG A 56 4.13 2.94 -16.49
N VAL A 57 3.99 2.14 -17.54
CA VAL A 57 4.15 0.70 -17.45
C VAL A 57 5.62 0.44 -17.17
N THR A 58 5.93 -0.11 -16.00
CA THR A 58 7.30 -0.11 -15.50
C THR A 58 7.83 -1.52 -15.35
N PRO A 59 8.90 -1.89 -16.04
CA PRO A 59 9.46 -3.22 -15.86
C PRO A 59 10.02 -3.36 -14.47
N PRO A 60 10.00 -4.57 -13.90
CA PRO A 60 10.38 -4.74 -12.49
C PRO A 60 11.83 -4.43 -12.22
N GLU A 61 12.71 -4.51 -13.22
CA GLU A 61 14.10 -4.15 -13.01
C GLU A 61 14.32 -2.64 -12.90
N GLU A 62 13.30 -1.85 -13.23
N GLU A 62 13.31 -1.84 -13.25
CA GLU A 62 13.41 -0.40 -13.19
CA GLU A 62 13.38 -0.39 -13.21
C GLU A 62 12.52 0.22 -12.10
C GLU A 62 12.73 0.20 -11.97
N SER A 63 12.00 -0.59 -11.20
CA SER A 63 11.39 -0.10 -9.97
C SER A 63 12.05 -0.73 -8.74
N ASP A 64 11.93 -0.03 -7.63
CA ASP A 64 12.49 -0.51 -6.37
C ASP A 64 11.58 -1.60 -5.79
N TYR A 65 11.90 -2.06 -4.58
CA TYR A 65 11.26 -3.21 -3.95
C TYR A 65 9.90 -2.89 -3.33
N THR A 66 9.42 -1.66 -3.41
CA THR A 66 8.10 -1.32 -2.86
C THR A 66 7.06 -2.27 -3.45
N HIS A 67 6.24 -2.88 -2.58
CA HIS A 67 5.29 -3.87 -3.09
C HIS A 67 4.12 -4.02 -2.11
N TYR A 68 3.05 -4.66 -2.61
CA TYR A 68 1.77 -4.78 -1.92
C TYR A 68 1.39 -6.25 -1.89
N ALA A 69 1.27 -6.80 -0.69
CA ALA A 69 0.96 -8.22 -0.51
C ALA A 69 -0.47 -8.39 -0.01
N PHE A 70 -1.16 -9.37 -0.59
CA PHE A 70 -2.53 -9.71 -0.26
C PHE A 70 -2.56 -11.07 0.44
N SER A 71 -3.42 -11.18 1.44
CA SER A 71 -3.51 -12.39 2.24
C SER A 71 -4.32 -13.45 1.51
N ILE A 72 -3.85 -14.69 1.62
CA ILE A 72 -4.56 -15.85 1.08
C ILE A 72 -4.28 -17.01 2.04
N SER A 73 -5.23 -17.93 2.11
CA SER A 73 -5.10 -19.05 3.02
C SER A 73 -4.11 -20.07 2.48
N GLU A 74 -3.59 -20.89 3.38
CA GLU A 74 -2.71 -21.98 2.98
C GLU A 74 -3.42 -22.92 2.01
N ALA A 75 -4.72 -23.14 2.19
CA ALA A 75 -5.45 -24.05 1.31
C ALA A 75 -5.62 -23.50 -0.11
N ASP A 76 -5.70 -22.17 -0.28
CA ASP A 76 -5.96 -21.57 -1.59
C ASP A 76 -4.70 -21.10 -2.30
N PHE A 77 -3.57 -21.00 -1.60
CA PHE A 77 -2.40 -20.29 -2.13
C PHE A 77 -1.91 -20.89 -3.45
N ALA A 78 -1.64 -22.20 -3.48
CA ALA A 78 -0.97 -22.78 -4.63
C ALA A 78 -1.83 -22.72 -5.88
N SER A 79 -3.13 -22.99 -5.75
N SER A 79 -3.12 -23.02 -5.75
CA SER A 79 -3.95 -23.02 -6.95
CA SER A 79 -4.02 -23.02 -6.90
C SER A 79 -4.19 -21.62 -7.49
C SER A 79 -4.14 -21.62 -7.48
N PHE A 80 -4.25 -20.61 -6.62
CA PHE A 80 -4.39 -19.23 -7.08
C PHE A 80 -3.12 -18.79 -7.80
N ALA A 81 -1.96 -19.09 -7.20
CA ALA A 81 -0.70 -18.78 -7.88
C ALA A 81 -0.62 -19.47 -9.24
N ALA A 82 -0.99 -20.75 -9.29
CA ALA A 82 -0.89 -21.49 -10.55
C ALA A 82 -1.84 -20.93 -11.59
N ARG A 83 -3.00 -20.46 -11.16
CA ARG A 83 -3.94 -19.85 -12.09
C ARG A 83 -3.39 -18.55 -12.65
N LEU A 84 -2.75 -17.73 -11.81
CA LEU A 84 -2.11 -16.52 -12.34
C LEU A 84 -1.03 -16.88 -13.35
N GLU A 85 -0.22 -17.90 -13.04
CA GLU A 85 0.82 -18.33 -13.96
C GLU A 85 0.24 -18.77 -15.29
N ALA A 86 -0.81 -19.60 -15.25
CA ALA A 86 -1.39 -20.08 -16.49
C ALA A 86 -2.04 -18.96 -17.27
N ALA A 87 -2.48 -17.89 -16.60
CA ALA A 87 -3.04 -16.74 -17.27
C ALA A 87 -1.99 -15.81 -17.86
N GLY A 88 -0.71 -16.11 -17.68
CA GLY A 88 0.33 -15.30 -18.27
C GLY A 88 0.73 -14.09 -17.48
N VAL A 89 0.37 -14.02 -16.20
CA VAL A 89 0.72 -12.87 -15.38
C VAL A 89 2.22 -12.86 -15.14
N ALA A 90 2.85 -11.73 -15.43
CA ALA A 90 4.30 -11.59 -15.30
C ALA A 90 4.71 -11.62 -13.84
N VAL A 91 5.95 -12.05 -13.61
N VAL A 91 5.96 -12.03 -13.61
CA VAL A 91 6.47 -12.18 -12.27
CA VAL A 91 6.48 -12.28 -12.27
C VAL A 91 7.61 -11.20 -12.07
C VAL A 91 7.79 -11.53 -12.08
N TRP A 92 8.08 -11.15 -10.84
CA TRP A 92 9.18 -10.26 -10.54
C TRP A 92 10.11 -10.84 -9.49
N LYS A 93 9.75 -11.93 -8.83
CA LYS A 93 10.64 -12.52 -7.84
C LYS A 93 10.30 -13.98 -7.65
N LEU A 94 11.32 -14.79 -7.41
CA LEU A 94 11.15 -16.23 -7.26
C LEU A 94 11.59 -16.75 -5.90
N ASN A 95 12.66 -16.19 -5.33
CA ASN A 95 13.19 -16.67 -4.06
C ASN A 95 12.26 -16.27 -2.92
N ARG A 96 11.82 -17.27 -2.15
CA ARG A 96 10.94 -17.04 -0.99
C ARG A 96 11.80 -16.65 0.20
N SER A 97 12.01 -15.35 0.34
CA SER A 97 12.84 -14.81 1.42
C SER A 97 12.01 -14.34 2.61
N GLU A 98 10.69 -14.39 2.52
CA GLU A 98 9.81 -13.96 3.59
C GLU A 98 8.62 -14.91 3.72
N GLY A 99 8.87 -16.20 3.52
CA GLY A 99 7.85 -17.21 3.70
C GLY A 99 7.17 -17.60 2.41
N ALA A 100 5.95 -18.10 2.55
CA ALA A 100 5.18 -18.64 1.43
C ALA A 100 4.56 -17.47 0.67
N SER A 101 5.16 -17.12 -0.47
CA SER A 101 4.76 -15.96 -1.25
C SER A 101 4.87 -16.25 -2.73
N HIS A 102 4.00 -15.60 -3.49
CA HIS A 102 4.06 -15.58 -4.95
C HIS A 102 4.10 -14.13 -5.39
N TYR A 103 5.09 -13.78 -6.20
CA TYR A 103 5.36 -12.40 -6.58
C TYR A 103 4.95 -12.18 -8.04
N PHE A 104 4.03 -11.24 -8.27
CA PHE A 104 3.50 -11.02 -9.60
C PHE A 104 3.27 -9.55 -9.83
N LEU A 105 3.11 -9.18 -11.11
CA LEU A 105 2.99 -7.79 -11.54
C LEU A 105 1.58 -7.49 -12.04
N ASP A 106 1.10 -6.27 -11.77
CA ASP A 106 -0.15 -5.80 -12.36
C ASP A 106 0.14 -5.22 -13.74
N PRO A 107 -0.89 -4.80 -14.48
CA PRO A 107 -0.66 -4.37 -15.87
C PRO A 107 0.29 -3.20 -16.02
N ASP A 108 0.42 -2.37 -14.99
CA ASP A 108 1.35 -1.25 -15.01
C ASP A 108 2.68 -1.56 -14.35
N GLY A 109 2.89 -2.79 -13.91
CA GLY A 109 4.10 -3.14 -13.22
C GLY A 109 4.10 -2.88 -11.74
N HIS A 110 2.96 -2.53 -11.15
CA HIS A 110 2.94 -2.51 -9.69
C HIS A 110 3.30 -3.89 -9.17
N LYS A 111 4.18 -3.92 -8.16
CA LYS A 111 4.66 -5.17 -7.60
C LYS A 111 3.69 -5.69 -6.55
N LEU A 112 3.10 -6.84 -6.83
CA LEU A 112 2.12 -7.48 -5.98
C LEU A 112 2.66 -8.81 -5.45
N GLU A 113 1.97 -9.34 -4.46
CA GLU A 113 2.38 -10.57 -3.82
C GLU A 113 1.15 -11.23 -3.22
N LEU A 114 1.10 -12.56 -3.32
CA LEU A 114 0.23 -13.39 -2.49
C LEU A 114 1.08 -13.91 -1.34
N HIS A 115 0.59 -13.78 -0.10
CA HIS A 115 1.35 -14.28 1.04
C HIS A 115 0.44 -15.00 2.02
N VAL A 116 0.95 -16.13 2.54
CA VAL A 116 0.27 -16.90 3.57
C VAL A 116 0.96 -16.57 4.90
N GLY A 117 0.21 -16.01 5.84
CA GLY A 117 0.73 -15.83 7.19
C GLY A 117 0.70 -14.40 7.69
N SER A 118 0.62 -14.25 9.01
CA SER A 118 0.55 -12.96 9.67
C SER A 118 1.94 -12.47 10.06
N LEU A 119 1.98 -11.24 10.56
CA LEU A 119 3.22 -10.70 11.10
C LEU A 119 3.71 -11.53 12.27
N ALA A 120 2.81 -11.91 13.18
CA ALA A 120 3.21 -12.75 14.29
C ALA A 120 3.85 -14.04 13.79
N GLN A 121 3.26 -14.64 12.76
CA GLN A 121 3.82 -15.89 12.25
C GLN A 121 5.17 -15.66 11.61
N ARG A 122 5.34 -14.52 10.93
N ARG A 122 5.31 -14.54 10.90
CA ARG A 122 6.63 -14.23 10.33
CA ARG A 122 6.61 -14.16 10.33
C ARG A 122 7.70 -13.97 11.39
C ARG A 122 7.65 -14.02 11.42
N LEU A 123 7.34 -13.27 12.47
CA LEU A 123 8.30 -13.06 13.54
C LEU A 123 8.72 -14.38 14.17
N ALA A 124 7.76 -15.29 14.39
CA ALA A 124 8.10 -16.59 14.96
C ALA A 124 9.02 -17.37 14.03
N ALA A 125 8.75 -17.31 12.72
CA ALA A 125 9.61 -18.01 11.77
C ALA A 125 11.01 -17.39 11.75
N CYS A 126 11.09 -16.07 11.88
CA CYS A 126 12.37 -15.38 11.85
C CYS A 126 13.20 -15.64 13.10
N ARG A 127 12.57 -15.92 14.23
CA ARG A 127 13.35 -16.28 15.40
C ARG A 127 14.19 -17.53 15.13
N GLU A 128 13.66 -18.46 14.34
CA GLU A 128 14.39 -19.69 14.03
C GLU A 128 15.34 -19.51 12.85
N GLN A 129 14.94 -18.70 11.88
CA GLN A 129 15.74 -18.45 10.67
C GLN A 129 15.76 -16.94 10.48
N PRO A 130 16.52 -16.24 11.31
CA PRO A 130 16.50 -14.78 11.29
C PRO A 130 17.24 -14.19 10.11
N TYR A 131 16.80 -13.00 9.70
N TYR A 131 16.79 -13.00 9.70
CA TYR A 131 17.57 -12.22 8.74
CA TYR A 131 17.58 -12.18 8.80
C TYR A 131 18.84 -11.71 9.43
C TYR A 131 18.92 -11.87 9.45
N LYS A 132 19.89 -11.50 8.63
CA LYS A 132 21.18 -11.09 9.18
C LYS A 132 21.05 -9.86 10.07
N GLY A 133 21.55 -9.97 11.30
CA GLY A 133 21.53 -8.85 12.23
C GLY A 133 20.20 -8.61 12.92
N MET A 134 19.29 -9.57 12.87
CA MET A 134 17.94 -9.31 13.33
C MET A 134 17.86 -9.19 14.84
N VAL A 135 17.12 -8.17 15.28
N VAL A 135 17.13 -8.17 15.29
CA VAL A 135 16.80 -7.94 16.68
CA VAL A 135 16.81 -7.95 16.70
C VAL A 135 15.28 -7.84 16.82
C VAL A 135 15.29 -7.86 16.80
N PHE A 136 14.76 -8.42 17.89
CA PHE A 136 13.33 -8.43 18.16
C PHE A 136 13.05 -7.54 19.36
N PHE A 137 11.98 -6.75 19.27
CA PHE A 137 11.60 -5.84 20.34
C PHE A 137 10.34 -6.33 21.04
N MET B 1 -9.12 -17.30 -2.56
CA MET B 1 -9.77 -15.97 -2.34
C MET B 1 -8.86 -15.08 -1.52
N LEU B 2 -8.66 -13.84 -1.96
CA LEU B 2 -7.85 -12.90 -1.21
C LEU B 2 -8.70 -12.29 -0.11
N SER B 3 -8.12 -12.18 1.09
CA SER B 3 -8.88 -11.80 2.26
C SER B 3 -8.52 -10.43 2.82
N GLY B 4 -7.55 -9.74 2.24
CA GLY B 4 -7.18 -8.42 2.72
C GLY B 4 -5.77 -8.08 2.30
N LEU B 5 -5.30 -6.94 2.81
CA LEU B 5 -3.91 -6.57 2.64
C LEU B 5 -3.10 -7.32 3.70
N ASN B 6 -2.13 -8.08 3.24
CA ASN B 6 -1.25 -8.80 4.16
C ASN B 6 -0.16 -7.88 4.70
N HIS B 7 0.57 -7.19 3.83
CA HIS B 7 1.57 -6.22 4.26
C HIS B 7 1.83 -5.21 3.16
N LEU B 8 2.33 -4.04 3.58
CA LEU B 8 2.82 -2.99 2.71
C LEU B 8 4.33 -2.91 2.91
N THR B 9 5.09 -3.01 1.83
CA THR B 9 6.54 -2.89 1.91
C THR B 9 6.98 -1.65 1.15
N LEU B 10 7.73 -0.79 1.84
CA LEU B 10 8.29 0.42 1.26
C LEU B 10 9.81 0.25 1.14
N ALA B 11 10.32 0.43 -0.08
CA ALA B 11 11.76 0.50 -0.28
C ALA B 11 12.28 1.83 0.26
N VAL B 12 13.37 1.77 1.03
CA VAL B 12 13.93 2.95 1.67
C VAL B 12 15.41 3.05 1.34
N SER B 13 15.91 4.27 1.23
CA SER B 13 17.32 4.48 0.88
C SER B 13 18.23 4.45 2.10
N GLN B 14 17.72 4.84 3.27
CA GLN B 14 18.49 4.85 4.51
C GLN B 14 17.59 4.35 5.62
N LEU B 15 17.99 3.25 6.26
CA LEU B 15 17.08 2.59 7.20
C LEU B 15 16.86 3.42 8.46
N ALA B 16 17.90 4.02 9.02
CA ALA B 16 17.73 4.72 10.29
C ALA B 16 16.74 5.86 10.19
N PRO B 17 16.84 6.78 9.23
CA PRO B 17 15.84 7.87 9.19
C PRO B 17 14.45 7.36 8.87
N SER B 18 14.31 6.28 8.12
CA SER B 18 12.98 5.76 7.86
C SER B 18 12.38 5.13 9.11
N VAL B 19 13.18 4.40 9.88
CA VAL B 19 12.67 3.87 11.15
C VAL B 19 12.26 5.02 12.07
N ALA B 20 13.08 6.07 12.15
CA ALA B 20 12.73 7.20 12.99
C ALA B 20 11.41 7.83 12.56
N PHE B 21 11.21 7.98 11.25
CA PHE B 21 9.99 8.58 10.73
C PHE B 21 8.76 7.76 11.10
N TYR B 22 8.78 6.45 10.79
CA TYR B 22 7.59 5.64 11.01
C TYR B 22 7.37 5.32 12.49
N GLN B 23 8.44 5.02 13.24
CA GLN B 23 8.27 4.69 14.65
C GLN B 23 8.11 5.95 15.51
N GLN B 24 9.07 6.86 15.45
CA GLN B 24 9.06 7.97 16.41
C GLN B 24 8.11 9.08 15.98
N LEU B 25 8.19 9.54 14.73
CA LEU B 25 7.32 10.63 14.31
C LEU B 25 5.88 10.16 14.15
N LEU B 26 5.67 9.06 13.43
N LEU B 26 5.68 9.06 13.44
CA LEU B 26 4.31 8.61 13.16
CA LEU B 26 4.32 8.61 13.15
C LEU B 26 3.72 7.76 14.29
C LEU B 26 3.75 7.67 14.20
N GLY B 27 4.56 7.24 15.18
CA GLY B 27 4.07 6.47 16.30
C GLY B 27 3.78 5.01 16.06
N MET B 28 4.28 4.43 14.98
CA MET B 28 4.05 3.01 14.73
C MET B 28 4.93 2.15 15.65
N THR B 29 4.51 0.91 15.84
CA THR B 29 5.20 0.00 16.74
C THR B 29 6.26 -0.76 15.97
N LEU B 30 7.51 -0.69 16.46
CA LEU B 30 8.63 -1.39 15.85
C LEU B 30 8.75 -2.77 16.48
N HIS B 31 8.60 -3.81 15.66
CA HIS B 31 8.67 -5.19 16.15
C HIS B 31 10.02 -5.84 15.93
N ALA B 32 10.71 -5.52 14.86
CA ALA B 32 12.00 -6.13 14.59
C ALA B 32 12.75 -5.26 13.60
N ARG B 33 14.07 -5.36 13.64
CA ARG B 33 14.94 -4.67 12.69
C ARG B 33 16.12 -5.58 12.39
N TRP B 34 16.59 -5.55 11.16
CA TRP B 34 17.76 -6.32 10.76
C TRP B 34 18.62 -5.41 9.90
N ASP B 35 19.75 -5.94 9.42
CA ASP B 35 20.70 -5.09 8.73
C ASP B 35 20.07 -4.41 7.52
N SER B 36 19.04 -5.01 6.92
CA SER B 36 18.49 -4.45 5.69
C SER B 36 16.97 -4.22 5.76
N GLY B 37 16.39 -4.10 6.95
CA GLY B 37 14.99 -3.75 6.98
C GLY B 37 14.43 -3.71 8.38
N ALA B 38 13.12 -3.48 8.45
CA ALA B 38 12.41 -3.45 9.72
C ALA B 38 10.95 -3.84 9.50
N TYR B 39 10.34 -4.37 10.56
CA TYR B 39 8.92 -4.65 10.61
C TYR B 39 8.26 -3.77 11.65
N LEU B 40 7.20 -3.07 11.26
CA LEU B 40 6.40 -2.24 12.15
C LEU B 40 4.93 -2.62 12.00
N SER B 41 4.13 -2.22 12.97
CA SER B 41 2.69 -2.34 12.83
C SER B 41 2.02 -1.00 13.16
N CYS B 42 0.87 -0.80 12.52
CA CYS B 42 0.03 0.37 12.74
C CYS B 42 -1.39 -0.19 12.73
N GLY B 43 -1.96 -0.40 13.91
CA GLY B 43 -3.21 -1.14 13.96
C GLY B 43 -3.01 -2.50 13.31
N ASP B 44 -3.91 -2.86 12.40
N ASP B 44 -3.92 -2.85 12.39
CA ASP B 44 -3.82 -4.13 11.69
CA ASP B 44 -3.84 -4.11 11.67
C ASP B 44 -2.91 -4.07 10.47
C ASP B 44 -2.76 -4.11 10.58
N LEU B 45 -2.25 -2.94 10.21
CA LEU B 45 -1.27 -2.87 9.13
C LEU B 45 0.08 -3.42 9.54
N TRP B 46 0.59 -4.36 8.74
CA TRP B 46 1.97 -4.84 8.81
C TRP B 46 2.76 -4.04 7.78
N LEU B 47 3.68 -3.21 8.25
CA LEU B 47 4.54 -2.40 7.40
C LEU B 47 5.95 -2.98 7.44
N CYS B 48 6.54 -3.16 6.27
N CYS B 48 6.54 -3.14 6.26
CA CYS B 48 7.94 -3.54 6.15
CA CYS B 48 7.93 -3.53 6.12
C CYS B 48 8.71 -2.40 5.49
C CYS B 48 8.70 -2.38 5.49
N LEU B 49 9.82 -2.00 6.09
CA LEU B 49 10.77 -1.10 5.47
C LEU B 49 11.92 -1.96 4.96
N SER B 50 12.23 -1.84 3.68
CA SER B 50 13.26 -2.66 3.06
C SER B 50 14.35 -1.77 2.50
N LEU B 51 15.56 -1.87 3.06
CA LEU B 51 16.67 -1.09 2.56
C LEU B 51 17.01 -1.52 1.14
N ASP B 52 16.98 -0.57 0.22
CA ASP B 52 17.10 -0.87 -1.20
C ASP B 52 17.96 0.19 -1.86
N PRO B 53 19.17 -0.14 -2.32
N PRO B 53 19.16 -0.16 -2.32
CA PRO B 53 20.00 0.90 -2.97
CA PRO B 53 19.96 0.79 -3.11
C PRO B 53 19.38 1.46 -4.23
C PRO B 53 19.28 1.28 -4.37
N GLN B 54 18.38 0.78 -4.80
N GLN B 54 18.21 0.60 -4.82
CA GLN B 54 17.67 1.28 -5.97
CA GLN B 54 17.44 1.08 -5.95
C GLN B 54 16.62 2.33 -5.63
C GLN B 54 16.62 2.31 -5.63
N ARG B 55 16.32 2.54 -4.35
CA ARG B 55 15.36 3.58 -4.00
C ARG B 55 15.98 4.95 -4.22
N ARG B 56 15.31 5.78 -5.01
N ARG B 56 15.30 5.78 -5.02
CA ARG B 56 15.70 7.16 -5.23
CA ARG B 56 15.69 7.16 -5.24
C ARG B 56 14.85 8.06 -4.35
C ARG B 56 14.85 8.06 -4.34
N VAL B 57 15.47 9.09 -3.78
CA VAL B 57 14.73 10.11 -3.05
C VAL B 57 13.99 10.92 -4.12
N THR B 58 12.67 10.75 -4.22
CA THR B 58 11.94 11.12 -5.42
C THR B 58 11.07 12.34 -5.18
N PRO B 59 11.30 13.45 -5.88
CA PRO B 59 10.42 14.61 -5.72
C PRO B 59 9.00 14.24 -6.12
N PRO B 60 7.99 14.86 -5.49
CA PRO B 60 6.60 14.47 -5.77
C PRO B 60 6.15 14.75 -7.18
N GLU B 61 6.73 15.75 -7.83
CA GLU B 61 6.40 16.02 -9.23
C GLU B 61 6.88 14.91 -10.15
N GLU B 62 7.78 14.06 -9.68
CA GLU B 62 8.40 13.03 -10.51
C GLU B 62 7.85 11.63 -10.25
N SER B 63 6.90 11.50 -9.34
CA SER B 63 6.24 10.23 -9.11
C SER B 63 4.75 10.37 -9.42
N ASP B 64 4.12 9.24 -9.69
CA ASP B 64 2.70 9.23 -9.98
C ASP B 64 1.89 9.29 -8.70
N TYR B 65 0.57 9.19 -8.83
CA TYR B 65 -0.36 9.43 -7.73
C TYR B 65 -0.51 8.25 -6.77
N THR B 66 0.21 7.16 -6.99
CA THR B 66 0.15 6.04 -6.06
C THR B 66 0.47 6.52 -4.65
N HIS B 67 -0.35 6.15 -3.67
CA HIS B 67 -0.15 6.67 -2.32
C HIS B 67 -0.82 5.77 -1.28
N TYR B 68 -0.42 5.99 -0.03
CA TYR B 68 -0.78 5.13 1.09
C TYR B 68 -1.40 6.01 2.17
N ALA B 69 -2.66 5.77 2.50
CA ALA B 69 -3.39 6.58 3.45
C ALA B 69 -3.55 5.81 4.75
N PHE B 70 -3.27 6.48 5.88
CA PHE B 70 -3.44 5.92 7.20
C PHE B 70 -4.67 6.51 7.87
N SER B 71 -5.36 5.69 8.65
CA SER B 71 -6.56 6.15 9.35
C SER B 71 -6.19 6.88 10.64
N ILE B 72 -6.97 7.93 10.91
CA ILE B 72 -6.87 8.71 12.14
C ILE B 72 -8.27 9.22 12.43
N SER B 73 -8.58 9.43 13.71
CA SER B 73 -9.88 9.98 14.04
C SER B 73 -9.93 11.47 13.70
N GLU B 74 -11.14 11.97 13.47
CA GLU B 74 -11.32 13.40 13.26
C GLU B 74 -10.76 14.19 14.43
N ALA B 75 -10.99 13.70 15.66
CA ALA B 75 -10.57 14.43 16.84
C ALA B 75 -9.05 14.55 16.92
N ASP B 76 -8.30 13.58 16.38
CA ASP B 76 -6.85 13.60 16.47
C ASP B 76 -6.18 14.23 15.25
N PHE B 77 -6.95 14.47 14.18
CA PHE B 77 -6.38 14.84 12.89
C PHE B 77 -5.53 16.11 12.98
N ALA B 78 -6.08 17.18 13.54
CA ALA B 78 -5.41 18.48 13.45
C ALA B 78 -4.11 18.49 14.24
N SER B 79 -4.08 17.86 15.41
N SER B 79 -4.10 17.87 15.42
CA SER B 79 -2.83 17.86 16.17
CA SER B 79 -2.88 17.80 16.21
C SER B 79 -1.77 16.98 15.52
C SER B 79 -1.80 17.02 15.46
N PHE B 80 -2.17 15.92 14.82
CA PHE B 80 -1.19 15.09 14.13
C PHE B 80 -0.63 15.84 12.93
N ALA B 81 -1.51 16.50 12.17
CA ALA B 81 -1.02 17.35 11.08
C ALA B 81 -0.05 18.41 11.59
N ALA B 82 -0.36 19.03 12.74
CA ALA B 82 0.52 20.05 13.28
C ALA B 82 1.85 19.47 13.71
N ARG B 83 1.85 18.22 14.20
CA ARG B 83 3.10 17.54 14.53
C ARG B 83 3.97 17.35 13.30
N LEU B 84 3.36 16.89 12.20
CA LEU B 84 4.12 16.73 10.96
C LEU B 84 4.66 18.07 10.48
N GLU B 85 3.84 19.13 10.58
N GLU B 85 3.84 19.13 10.59
CA GLU B 85 4.29 20.45 10.17
CA GLU B 85 4.30 20.45 10.16
C GLU B 85 5.46 20.93 11.03
C GLU B 85 5.46 20.94 11.03
N ALA B 86 5.39 20.71 12.34
CA ALA B 86 6.48 21.13 13.21
C ALA B 86 7.78 20.43 12.84
N ALA B 87 7.68 19.14 12.47
CA ALA B 87 8.82 18.36 12.05
C ALA B 87 9.31 18.70 10.64
N GLY B 88 8.65 19.63 9.94
CA GLY B 88 9.09 20.04 8.63
C GLY B 88 8.76 19.07 7.52
N VAL B 89 7.78 18.20 7.73
CA VAL B 89 7.41 17.21 6.73
C VAL B 89 6.69 17.90 5.59
N ALA B 90 7.11 17.63 4.35
CA ALA B 90 6.53 18.31 3.20
C ALA B 90 5.16 17.78 2.83
N VAL B 91 4.29 18.68 2.36
CA VAL B 91 2.97 18.36 1.85
C VAL B 91 3.03 18.33 0.33
N TRP B 92 2.37 17.33 -0.26
CA TRP B 92 2.40 17.16 -1.71
C TRP B 92 1.08 17.50 -2.41
N LYS B 93 0.02 17.83 -1.68
CA LYS B 93 -1.31 18.06 -2.25
C LYS B 93 -2.17 18.70 -1.16
N LEU B 94 -3.10 19.57 -1.57
CA LEU B 94 -4.15 20.07 -0.68
C LEU B 94 -5.40 19.20 -0.80
N ASN B 95 -6.16 19.12 0.29
CA ASN B 95 -7.40 18.35 0.29
C ASN B 95 -8.53 19.10 -0.41
N ARG B 96 -9.20 18.42 -1.36
CA ARG B 96 -10.36 18.95 -2.06
C ARG B 96 -11.50 17.92 -2.17
N SER B 97 -11.48 16.87 -1.35
N SER B 97 -11.51 16.91 -1.32
CA SER B 97 -12.47 15.80 -1.38
CA SER B 97 -12.54 15.86 -1.38
C SER B 97 -13.11 15.65 0.00
C SER B 97 -13.04 15.56 0.03
N GLU B 98 -14.07 14.73 0.11
CA GLU B 98 -14.78 14.58 1.38
C GLU B 98 -13.94 13.81 2.39
N GLY B 99 -14.08 14.20 3.66
CA GLY B 99 -13.28 13.64 4.71
C GLY B 99 -11.96 14.37 4.82
N ALA B 100 -11.54 14.65 6.04
CA ALA B 100 -10.26 15.32 6.24
C ALA B 100 -9.13 14.47 5.67
N SER B 101 -8.20 15.12 4.97
CA SER B 101 -7.01 14.48 4.44
C SER B 101 -5.83 15.43 4.54
N HIS B 102 -4.68 14.88 4.95
CA HIS B 102 -3.40 15.59 5.00
C HIS B 102 -2.43 14.77 4.16
N TYR B 103 -1.86 15.38 3.12
CA TYR B 103 -1.05 14.67 2.13
C TYR B 103 0.42 15.02 2.36
N PHE B 104 1.20 14.04 2.81
CA PHE B 104 2.57 14.31 3.24
C PHE B 104 3.53 13.27 2.69
N LEU B 105 4.83 13.62 2.67
CA LEU B 105 5.88 12.79 2.08
C LEU B 105 6.77 12.17 3.13
N ASP B 106 7.17 10.92 2.91
CA ASP B 106 8.18 10.28 3.74
C ASP B 106 9.57 10.67 3.26
N PRO B 107 10.61 10.26 4.00
CA PRO B 107 11.97 10.74 3.69
C PRO B 107 12.46 10.41 2.28
N ASP B 108 11.90 9.38 1.65
CA ASP B 108 12.27 9.00 0.29
C ASP B 108 11.29 9.49 -0.74
N GLY B 109 10.28 10.24 -0.34
CA GLY B 109 9.29 10.73 -1.27
C GLY B 109 8.11 9.82 -1.45
N HIS B 110 7.96 8.77 -0.65
CA HIS B 110 6.73 8.00 -0.72
C HIS B 110 5.57 8.92 -0.36
N LYS B 111 4.50 8.85 -1.16
CA LYS B 111 3.33 9.69 -0.96
C LYS B 111 2.40 9.06 0.08
N LEU B 112 2.22 9.77 1.19
CA LEU B 112 1.41 9.33 2.31
C LEU B 112 0.22 10.27 2.49
N GLU B 113 -0.75 9.81 3.27
CA GLU B 113 -1.94 10.59 3.56
C GLU B 113 -2.45 10.20 4.93
N LEU B 114 -2.94 11.18 5.69
CA LEU B 114 -3.83 10.92 6.81
C LEU B 114 -5.25 11.14 6.30
N HIS B 115 -6.15 10.18 6.52
CA HIS B 115 -7.53 10.34 6.11
C HIS B 115 -8.50 9.93 7.21
N VAL B 116 -9.57 10.71 7.33
CA VAL B 116 -10.70 10.42 8.21
C VAL B 116 -11.86 10.01 7.31
N GLY B 117 -12.31 8.77 7.45
CA GLY B 117 -13.48 8.32 6.72
C GLY B 117 -13.27 6.98 6.04
N SER B 118 -14.34 6.20 5.98
CA SER B 118 -14.28 4.87 5.43
C SER B 118 -14.72 4.85 3.96
N LEU B 119 -14.57 3.68 3.34
CA LEU B 119 -15.12 3.47 2.01
C LEU B 119 -16.63 3.67 2.01
N ALA B 120 -17.33 3.14 3.01
CA ALA B 120 -18.78 3.31 3.07
C ALA B 120 -19.15 4.79 3.08
N GLN B 121 -18.40 5.61 3.83
CA GLN B 121 -18.68 7.04 3.87
C GLN B 121 -18.45 7.68 2.51
N ARG B 122 -17.36 7.30 1.84
CA ARG B 122 -17.07 7.84 0.52
C ARG B 122 -18.15 7.44 -0.48
N LEU B 123 -18.57 6.18 -0.46
CA LEU B 123 -19.61 5.73 -1.39
C LEU B 123 -20.92 6.47 -1.14
N ALA B 124 -21.27 6.70 0.13
CA ALA B 124 -22.51 7.43 0.41
C ALA B 124 -22.46 8.83 -0.16
N ALA B 125 -21.32 9.51 0.03
CA ALA B 125 -21.17 10.85 -0.53
C ALA B 125 -21.24 10.82 -2.05
N CYS B 126 -20.63 9.81 -2.67
CA CYS B 126 -20.64 9.72 -4.13
C CYS B 126 -22.02 9.42 -4.67
N ARG B 127 -22.81 8.62 -3.95
N ARG B 127 -22.82 8.62 -3.95
CA ARG B 127 -24.17 8.34 -4.42
CA ARG B 127 -24.18 8.35 -4.43
C ARG B 127 -25.00 9.62 -4.46
C ARG B 127 -24.98 9.64 -4.47
N GLU B 128 -24.76 10.55 -3.53
CA GLU B 128 -25.47 11.82 -3.52
C GLU B 128 -24.93 12.80 -4.56
N GLN B 129 -23.66 12.71 -4.89
N GLN B 129 -23.64 12.72 -4.87
CA GLN B 129 -23.00 13.63 -5.81
CA GLN B 129 -23.00 13.63 -5.81
C GLN B 129 -22.01 12.84 -6.65
C GLN B 129 -22.01 12.83 -6.64
N PRO B 130 -22.50 12.07 -7.63
CA PRO B 130 -21.61 11.16 -8.36
C PRO B 130 -20.57 11.88 -9.20
N TYR B 131 -19.36 11.31 -9.22
CA TYR B 131 -18.33 11.79 -10.12
C TYR B 131 -18.77 11.58 -11.57
N LYS B 132 -18.11 12.29 -12.48
CA LYS B 132 -18.42 12.16 -13.91
C LYS B 132 -18.25 10.72 -14.36
N GLY B 133 -19.31 10.17 -14.96
CA GLY B 133 -19.31 8.82 -15.45
C GLY B 133 -19.46 7.74 -14.41
N MET B 134 -19.90 8.08 -13.20
CA MET B 134 -19.89 7.13 -12.12
C MET B 134 -21.04 6.13 -12.21
N VAL B 135 -20.69 4.86 -11.98
N VAL B 135 -20.72 4.86 -12.04
CA VAL B 135 -21.59 3.71 -11.98
CA VAL B 135 -21.72 3.81 -11.92
C VAL B 135 -21.31 2.95 -10.68
C VAL B 135 -21.35 2.93 -10.73
N PHE B 136 -22.37 2.45 -10.04
CA PHE B 136 -22.24 1.67 -8.82
C PHE B 136 -22.61 0.22 -9.09
N PHE B 137 -22.07 -0.68 -8.27
CA PHE B 137 -22.27 -2.12 -8.45
C PHE B 137 -22.73 -2.74 -7.14
#